data_6J23
#
_entry.id   6J23
#
_cell.length_a   51.381
_cell.length_b   82.520
_cell.length_c   86.974
_cell.angle_alpha   90.00
_cell.angle_beta   90.00
_cell.angle_gamma   90.00
#
_symmetry.space_group_name_H-M   'P 21 21 21'
#
loop_
_entity.id
_entity.type
_entity.pdbx_description
1 polymer 'Adenosine/AMP deaminase family protein'
2 non-polymer "GUANOSINE-5'-MONOPHOSPHATE"
3 non-polymer 'ZINC ION'
4 water water
#
_entity_poly.entity_id   1
_entity_poly.type   'polypeptide(L)'
_entity_poly.pdbx_seq_one_letter_code
;MEWIQSLPKIELHAHLNGSIRDSTLLELARVLGEKGVIVFADVEHVIQKNDRSLVEVFKLFDLIHKLTTDHKTVTRITRE
VVEDFALENVVYLELRTTPKRSDSIGMSKRSYMEAVIQGLRSVSEVDIDFVTASDSQKLHNAGDGIGRKKIYVRLLLSID
RRETTESAMETVKLALEMRDVGVVGIDLSGNPLVGEWSTFLPALQYAKDNDLHITLHCGEVPNPKEIQAMLDFKPHRIGH
ACFFKDEDWTKLKSFRIPVEICLTSNIVTKSISSIDIHHFADLYNAKHPLILCTNDFGVFSTSLSNEYALAVRSLGLSKS
ETFALARAAIDATFAEDEVKQQLRFIFDSASPEHV
;
_entity_poly.pdbx_strand_id   A
#
# COMPACT_ATOMS: atom_id res chain seq x y z
N MET A 1 19.66 4.42 -9.93
CA MET A 1 20.91 3.68 -9.87
C MET A 1 20.69 2.22 -10.30
N GLU A 2 21.68 1.63 -10.99
CA GLU A 2 21.46 0.33 -11.62
C GLU A 2 21.32 -0.78 -10.57
N TRP A 3 22.19 -0.79 -9.57
CA TRP A 3 22.17 -1.92 -8.65
C TRP A 3 20.94 -1.87 -7.73
N ILE A 4 20.40 -0.67 -7.47
CA ILE A 4 19.13 -0.56 -6.75
C ILE A 4 17.99 -1.08 -7.63
N GLN A 5 17.99 -0.73 -8.92
CA GLN A 5 16.97 -1.27 -9.82
C GLN A 5 16.97 -2.78 -9.85
N SER A 6 18.16 -3.39 -9.81
CA SER A 6 18.29 -4.85 -9.86
C SER A 6 18.09 -5.53 -8.51
N LEU A 7 18.10 -4.78 -7.41
CA LEU A 7 17.90 -5.37 -6.11
C LEU A 7 16.51 -6.01 -6.02
N PRO A 8 16.40 -7.25 -5.55
CA PRO A 8 15.07 -7.81 -5.26
C PRO A 8 14.44 -7.06 -4.08
N LYS A 9 13.18 -6.67 -4.26
CA LYS A 9 12.52 -5.81 -3.29
C LYS A 9 11.16 -6.36 -2.90
N ILE A 10 10.69 -5.92 -1.74
CA ILE A 10 9.41 -6.35 -1.17
C ILE A 10 8.56 -5.10 -0.97
N GLU A 11 7.38 -5.08 -1.59
CA GLU A 11 6.45 -3.97 -1.44
C GLU A 11 5.28 -4.38 -0.56
N LEU A 12 5.11 -3.69 0.58
CA LEU A 12 4.06 -4.01 1.54
C LEU A 12 2.98 -2.93 1.64
N HIS A 13 3.14 -1.80 0.96
CA HIS A 13 2.20 -0.70 1.18
C HIS A 13 2.03 0.05 -0.15
N ALA A 14 1.14 -0.49 -0.98
CA ALA A 14 0.83 0.09 -2.29
C ALA A 14 -0.67 0.01 -2.52
N HIS A 15 -1.32 1.16 -2.70
CA HIS A 15 -2.75 1.22 -2.94
C HIS A 15 -2.99 1.12 -4.44
N LEU A 16 -3.90 0.23 -4.83
CA LEU A 16 -4.14 -0.05 -6.25
C LEU A 16 -4.41 1.24 -7.03
N ASN A 17 -5.41 1.99 -6.58
CA ASN A 17 -5.83 3.14 -7.36
C ASN A 17 -4.90 4.34 -7.19
N GLY A 18 -3.93 4.26 -6.27
CA GLY A 18 -2.86 5.24 -6.19
C GLY A 18 -1.61 4.84 -6.96
N SER A 19 -1.66 3.71 -7.67
CA SER A 19 -0.51 3.17 -8.40
C SER A 19 -0.72 3.14 -9.91
N ILE A 20 -1.60 3.99 -10.45
CA ILE A 20 -1.95 3.93 -11.87
C ILE A 20 -0.93 4.72 -12.69
N ARG A 21 -0.57 4.20 -13.87
CA ARG A 21 0.27 4.93 -14.80
C ARG A 21 -0.38 6.23 -15.22
N ASP A 22 0.44 7.30 -15.32
CA ASP A 22 -0.01 8.61 -15.82
C ASP A 22 -0.83 8.48 -17.11
N SER A 23 -0.24 7.84 -18.13
CA SER A 23 -0.89 7.75 -19.43
C SER A 23 -2.19 6.96 -19.36
N THR A 24 -2.26 5.98 -18.45
CA THR A 24 -3.51 5.22 -18.30
C THR A 24 -4.60 6.08 -17.68
N LEU A 25 -4.27 6.83 -16.64
CA LEU A 25 -5.26 7.72 -16.03
C LEU A 25 -5.77 8.73 -17.04
N LEU A 26 -4.85 9.35 -17.79
CA LEU A 26 -5.28 10.35 -18.78
C LEU A 26 -6.07 9.71 -19.92
N GLU A 27 -5.75 8.45 -20.30
CA GLU A 27 -6.53 7.76 -21.33
C GLU A 27 -7.95 7.47 -20.86
N LEU A 28 -8.10 7.03 -19.59
CA LEU A 28 -9.44 6.86 -19.03
C LEU A 28 -10.20 8.18 -19.04
N ALA A 29 -9.52 9.27 -18.67
CA ALA A 29 -10.16 10.59 -18.71
C ALA A 29 -10.60 10.96 -20.12
N ARG A 30 -9.72 10.76 -21.11
CA ARG A 30 -10.03 11.09 -22.50
C ARG A 30 -11.23 10.31 -23.00
N VAL A 31 -11.26 8.99 -22.73
CA VAL A 31 -12.37 8.16 -23.17
C VAL A 31 -13.67 8.60 -22.50
N LEU A 32 -13.64 8.90 -21.20
CA LEU A 32 -14.86 9.33 -20.53
C LEU A 32 -15.31 10.73 -20.95
N GLY A 33 -14.38 11.55 -21.44
CA GLY A 33 -14.73 12.86 -21.95
C GLY A 33 -15.36 12.77 -23.32
N GLU A 34 -14.83 11.89 -24.17
CA GLU A 34 -15.43 11.64 -25.48
C GLU A 34 -16.85 11.08 -25.37
N LYS A 35 -17.19 10.44 -24.24
CA LYS A 35 -18.55 10.00 -23.96
C LYS A 35 -19.40 11.09 -23.30
N GLY A 36 -18.80 12.23 -22.94
CA GLY A 36 -19.51 13.31 -22.30
C GLY A 36 -19.71 13.19 -20.81
N VAL A 37 -19.14 12.16 -20.17
CA VAL A 37 -19.37 11.95 -18.75
C VAL A 37 -18.64 12.98 -17.90
N ILE A 38 -17.52 13.52 -18.40
CA ILE A 38 -16.73 14.50 -17.68
C ILE A 38 -16.14 15.50 -18.68
N VAL A 39 -15.72 16.64 -18.16
CA VAL A 39 -15.02 17.65 -18.95
C VAL A 39 -13.54 17.37 -18.86
N PHE A 40 -12.95 16.95 -19.99
CA PHE A 40 -11.57 16.45 -19.96
C PHE A 40 -10.60 17.53 -19.48
N ALA A 41 -10.78 18.78 -19.92
CA ALA A 41 -9.86 19.84 -19.51
C ALA A 41 -9.88 20.06 -17.99
N ASP A 42 -11.06 20.01 -17.38
CA ASP A 42 -11.16 20.18 -15.92
C ASP A 42 -10.43 19.06 -15.18
N VAL A 43 -10.73 17.80 -15.55
CA VAL A 43 -10.12 16.65 -14.90
C VAL A 43 -8.61 16.66 -15.10
N GLU A 44 -8.16 16.93 -16.32
CA GLU A 44 -6.74 17.04 -16.58
C GLU A 44 -6.12 18.12 -15.71
N HIS A 45 -6.80 19.25 -15.55
CA HIS A 45 -6.26 20.33 -14.73
C HIS A 45 -6.07 19.86 -13.29
N VAL A 46 -7.05 19.17 -12.73
CA VAL A 46 -6.92 18.66 -11.36
C VAL A 46 -5.75 17.70 -11.27
N ILE A 47 -5.65 16.75 -12.20
CA ILE A 47 -4.55 15.79 -12.18
C ILE A 47 -3.19 16.49 -12.23
N GLN A 48 -3.08 17.58 -13.01
CA GLN A 48 -1.77 18.24 -13.10
C GLN A 48 -1.47 19.12 -11.88
N LYS A 49 -2.47 19.79 -11.33
CA LYS A 49 -2.22 20.89 -10.41
C LYS A 49 -2.57 20.62 -8.96
N ASN A 50 -3.31 19.54 -8.67
CA ASN A 50 -3.56 19.20 -7.27
C ASN A 50 -2.21 19.04 -6.57
N ASP A 51 -2.01 19.78 -5.48
CA ASP A 51 -0.66 19.85 -4.91
C ASP A 51 -0.31 18.63 -4.08
N ARG A 52 -1.29 17.77 -3.79
CA ARG A 52 -1.11 16.46 -3.18
C ARG A 52 -0.64 16.54 -1.73
N SER A 53 -0.85 17.70 -1.11
CA SER A 53 -0.81 17.78 0.34
C SER A 53 -1.89 16.85 0.91
N LEU A 54 -1.79 16.55 2.21
CA LEU A 54 -2.71 15.59 2.80
C LEU A 54 -4.16 15.98 2.54
N VAL A 55 -4.50 17.27 2.67
CA VAL A 55 -5.89 17.67 2.43
C VAL A 55 -6.29 17.47 0.98
N GLU A 56 -5.42 17.89 0.05
CA GLU A 56 -5.79 17.93 -1.36
C GLU A 56 -5.79 16.55 -2.01
N VAL A 57 -4.97 15.63 -1.50
CA VAL A 57 -4.81 14.36 -2.18
C VAL A 57 -6.10 13.54 -2.10
N PHE A 58 -6.93 13.75 -1.08
CA PHE A 58 -8.15 12.94 -1.01
C PHE A 58 -9.21 13.44 -1.99
N LYS A 59 -9.21 14.74 -2.31
CA LYS A 59 -9.99 15.23 -3.45
C LYS A 59 -9.50 14.61 -4.76
N LEU A 60 -8.17 14.55 -4.91
CA LEU A 60 -7.63 13.83 -6.06
C LEU A 60 -8.12 12.37 -6.12
N PHE A 61 -8.22 11.69 -4.97
CA PHE A 61 -8.67 10.30 -4.97
C PHE A 61 -10.14 10.19 -5.35
N ASP A 62 -10.96 11.15 -4.91
CA ASP A 62 -12.35 11.17 -5.37
C ASP A 62 -12.42 11.25 -6.91
N LEU A 63 -11.57 12.10 -7.49
CA LEU A 63 -11.57 12.19 -8.96
C LEU A 63 -11.08 10.87 -9.59
N ILE A 64 -9.99 10.31 -9.07
CA ILE A 64 -9.50 9.04 -9.60
C ILE A 64 -10.61 7.99 -9.58
N HIS A 65 -11.37 7.93 -8.48
CA HIS A 65 -12.42 6.91 -8.37
C HIS A 65 -13.55 7.16 -9.36
N LYS A 66 -13.85 8.42 -9.67
CA LYS A 66 -14.80 8.66 -10.76
C LYS A 66 -14.26 8.14 -12.10
N LEU A 67 -12.92 8.10 -12.25
CA LEU A 67 -12.38 7.58 -13.51
C LEU A 67 -12.24 6.06 -13.56
N THR A 68 -12.13 5.38 -12.42
CA THR A 68 -11.64 4.00 -12.41
C THR A 68 -12.62 2.97 -11.90
N THR A 69 -13.80 3.36 -11.42
CA THR A 69 -14.67 2.40 -10.74
C THR A 69 -15.60 1.72 -11.75
N ASP A 70 -15.01 0.76 -12.48
CA ASP A 70 -15.78 -0.18 -13.28
C ASP A 70 -14.90 -1.41 -13.48
N HIS A 71 -15.56 -2.54 -13.74
CA HIS A 71 -14.90 -3.84 -13.62
C HIS A 71 -13.72 -3.96 -14.59
N LYS A 72 -13.94 -3.59 -15.87
CA LYS A 72 -12.88 -3.70 -16.87
C LYS A 72 -11.66 -2.87 -16.49
N THR A 73 -11.89 -1.67 -15.95
CA THR A 73 -10.78 -0.81 -15.57
C THR A 73 -10.03 -1.37 -14.37
N VAL A 74 -10.76 -1.90 -13.38
CA VAL A 74 -10.10 -2.52 -12.24
C VAL A 74 -9.20 -3.65 -12.70
N THR A 75 -9.69 -4.50 -13.61
CA THR A 75 -8.87 -5.59 -14.15
C THR A 75 -7.61 -5.05 -14.82
N ARG A 76 -7.77 -4.00 -15.64
CA ARG A 76 -6.64 -3.43 -16.37
C ARG A 76 -5.58 -2.86 -15.42
N ILE A 77 -6.00 -2.03 -14.47
CA ILE A 77 -5.01 -1.40 -13.61
C ILE A 77 -4.39 -2.41 -12.66
N THR A 78 -5.11 -3.46 -12.26
CA THR A 78 -4.46 -4.50 -11.47
C THR A 78 -3.30 -5.13 -12.24
N ARG A 79 -3.55 -5.52 -13.49
CA ARG A 79 -2.49 -6.08 -14.33
C ARG A 79 -1.32 -5.09 -14.48
N GLU A 80 -1.63 -3.83 -14.78
CA GLU A 80 -0.57 -2.85 -15.00
C GLU A 80 0.28 -2.63 -13.75
N VAL A 81 -0.36 -2.52 -12.57
CA VAL A 81 0.40 -2.31 -11.33
C VAL A 81 1.34 -3.48 -11.07
N VAL A 82 0.84 -4.71 -11.24
CA VAL A 82 1.68 -5.87 -10.96
C VAL A 82 2.86 -5.92 -11.92
N GLU A 83 2.61 -5.64 -13.21
CA GLU A 83 3.69 -5.64 -14.19
C GLU A 83 4.72 -4.55 -13.88
N ASP A 84 4.25 -3.37 -13.46
CA ASP A 84 5.19 -2.29 -13.16
C ASP A 84 6.07 -2.64 -11.96
N PHE A 85 5.49 -3.20 -10.90
CA PHE A 85 6.31 -3.58 -9.76
C PHE A 85 7.29 -4.70 -10.14
N ALA A 86 6.82 -5.71 -10.89
CA ALA A 86 7.69 -6.82 -11.26
C ALA A 86 8.87 -6.36 -12.11
N LEU A 87 8.65 -5.39 -12.99
CA LEU A 87 9.70 -4.96 -13.89
C LEU A 87 10.82 -4.20 -13.17
N GLU A 88 10.56 -3.66 -11.97
CA GLU A 88 11.65 -3.15 -11.15
C GLU A 88 12.07 -4.16 -10.09
N ASN A 89 11.79 -5.45 -10.31
CA ASN A 89 12.32 -6.55 -9.51
C ASN A 89 11.73 -6.57 -8.10
N VAL A 90 10.50 -6.10 -7.94
CA VAL A 90 9.74 -6.50 -6.77
C VAL A 90 9.41 -7.97 -6.92
N VAL A 91 9.83 -8.78 -5.95
CA VAL A 91 9.55 -10.21 -5.99
C VAL A 91 8.36 -10.58 -5.12
N TYR A 92 7.94 -9.72 -4.21
CA TYR A 92 6.77 -9.98 -3.38
C TYR A 92 6.03 -8.67 -3.18
N LEU A 93 4.73 -8.68 -3.47
CA LEU A 93 3.89 -7.49 -3.45
C LEU A 93 2.63 -7.81 -2.67
N GLU A 94 2.37 -7.06 -1.61
CA GLU A 94 1.06 -7.04 -0.99
C GLU A 94 0.37 -5.79 -1.51
N LEU A 95 -0.66 -6.00 -2.30
CA LEU A 95 -1.42 -4.93 -2.94
C LEU A 95 -2.67 -4.72 -2.12
N ARG A 96 -2.96 -3.48 -1.75
CA ARG A 96 -4.15 -3.20 -0.97
C ARG A 96 -5.12 -2.37 -1.80
N THR A 97 -6.41 -2.66 -1.63
CA THR A 97 -7.42 -1.88 -2.33
C THR A 97 -8.72 -1.92 -1.54
N THR A 98 -9.48 -0.82 -1.62
CA THR A 98 -10.81 -0.69 -1.01
C THR A 98 -11.85 -1.27 -1.97
N PRO A 99 -12.51 -2.38 -1.64
CA PRO A 99 -13.61 -2.85 -2.52
C PRO A 99 -14.72 -1.81 -2.56
N LYS A 100 -15.31 -1.63 -3.73
CA LYS A 100 -16.27 -0.55 -3.96
C LYS A 100 -17.63 -1.11 -4.34
N ARG A 101 -18.69 -0.46 -3.86
CA ARG A 101 -20.04 -0.75 -4.29
C ARG A 101 -20.52 0.37 -5.22
N SER A 102 -21.15 -0.01 -6.33
CA SER A 102 -21.70 0.96 -7.28
C SER A 102 -22.94 0.32 -7.91
N ASP A 103 -24.12 0.63 -7.35
CA ASP A 103 -25.34 -0.06 -7.76
C ASP A 103 -25.68 0.24 -9.22
N SER A 104 -25.48 1.49 -9.67
CA SER A 104 -25.85 1.88 -11.03
C SER A 104 -25.20 1.00 -12.09
N ILE A 105 -24.07 0.34 -11.79
CA ILE A 105 -23.39 -0.50 -12.74
C ILE A 105 -23.35 -1.96 -12.31
N GLY A 106 -24.11 -2.32 -11.27
CA GLY A 106 -24.09 -3.68 -10.77
C GLY A 106 -22.76 -4.12 -10.18
N MET A 107 -22.04 -3.21 -9.53
CA MET A 107 -20.79 -3.55 -8.85
C MET A 107 -21.07 -3.69 -7.35
N SER A 108 -20.69 -4.82 -6.79
CA SER A 108 -20.63 -5.06 -5.36
C SER A 108 -19.16 -5.12 -4.93
N LYS A 109 -18.94 -5.08 -3.61
CA LYS A 109 -17.57 -5.26 -3.12
C LYS A 109 -16.98 -6.56 -3.65
N ARG A 110 -17.78 -7.62 -3.66
CA ARG A 110 -17.31 -8.92 -4.15
C ARG A 110 -16.96 -8.87 -5.64
N SER A 111 -17.79 -8.21 -6.46
CA SER A 111 -17.50 -8.23 -7.89
C SER A 111 -16.33 -7.29 -8.24
N TYR A 112 -16.16 -6.22 -7.46
CA TYR A 112 -14.92 -5.45 -7.56
C TYR A 112 -13.70 -6.34 -7.33
N MET A 113 -13.71 -7.10 -6.24
CA MET A 113 -12.54 -7.95 -5.98
C MET A 113 -12.39 -9.06 -7.02
N GLU A 114 -13.50 -9.56 -7.58
CA GLU A 114 -13.40 -10.52 -8.66
C GLU A 114 -12.73 -9.90 -9.90
N ALA A 115 -12.98 -8.60 -10.16
CA ALA A 115 -12.28 -7.91 -11.24
C ALA A 115 -10.79 -7.75 -10.95
N VAL A 116 -10.43 -7.61 -9.67
CA VAL A 116 -9.01 -7.61 -9.29
C VAL A 116 -8.38 -8.97 -9.58
N ILE A 117 -9.06 -10.04 -9.16
CA ILE A 117 -8.56 -11.39 -9.44
C ILE A 117 -8.40 -11.61 -10.94
N GLN A 118 -9.42 -11.22 -11.71
CA GLN A 118 -9.32 -11.30 -13.18
C GLN A 118 -8.07 -10.59 -13.67
N GLY A 119 -7.77 -9.41 -13.10
CA GLY A 119 -6.56 -8.71 -13.48
C GLY A 119 -5.30 -9.50 -13.22
N LEU A 120 -5.25 -10.19 -12.08
CA LEU A 120 -4.10 -11.05 -11.77
C LEU A 120 -4.02 -12.24 -12.72
N ARG A 121 -5.17 -12.78 -13.13
CA ARG A 121 -5.17 -13.89 -14.06
C ARG A 121 -4.71 -13.47 -15.44
N SER A 122 -4.89 -12.19 -15.81
CA SER A 122 -4.47 -11.69 -17.11
C SER A 122 -2.99 -11.30 -17.18
N VAL A 123 -2.25 -11.34 -16.07
CA VAL A 123 -0.84 -10.96 -16.08
C VAL A 123 -0.06 -11.90 -16.99
N SER A 124 0.73 -11.34 -17.91
CA SER A 124 1.35 -12.07 -19.00
C SER A 124 2.84 -11.81 -19.17
N GLU A 125 3.28 -10.57 -18.93
CA GLU A 125 4.68 -10.21 -19.18
C GLU A 125 5.63 -10.80 -18.14
N VAL A 126 5.10 -11.27 -17.02
CA VAL A 126 5.90 -11.81 -15.93
C VAL A 126 5.16 -13.02 -15.39
N ASP A 127 5.92 -13.93 -14.77
CA ASP A 127 5.34 -15.04 -14.03
C ASP A 127 4.79 -14.52 -12.71
N ILE A 128 3.64 -15.06 -12.29
CA ILE A 128 2.98 -14.58 -11.09
C ILE A 128 2.48 -15.76 -10.29
N ASP A 129 2.63 -15.66 -8.97
CA ASP A 129 2.01 -16.58 -8.03
C ASP A 129 1.14 -15.73 -7.12
N PHE A 130 -0.19 -15.85 -7.23
CA PHE A 130 -1.03 -15.07 -6.32
C PHE A 130 -1.78 -15.93 -5.34
N VAL A 131 -1.61 -17.25 -5.39
CA VAL A 131 -2.01 -18.12 -4.30
C VAL A 131 -1.28 -19.46 -4.40
N ARG A 148 13.14 -13.97 -17.46
CA ARG A 148 11.71 -13.73 -17.20
C ARG A 148 11.41 -13.56 -15.70
N LYS A 149 10.84 -12.42 -15.33
CA LYS A 149 10.64 -12.08 -13.93
C LYS A 149 9.46 -12.84 -13.32
N LYS A 150 9.58 -13.12 -12.01
CA LYS A 150 8.50 -13.76 -11.25
C LYS A 150 8.18 -12.95 -10.01
N ILE A 151 6.88 -12.79 -9.72
CA ILE A 151 6.43 -12.00 -8.58
C ILE A 151 5.34 -12.77 -7.83
N TYR A 152 5.48 -12.82 -6.50
CA TYR A 152 4.41 -13.27 -5.62
C TYR A 152 3.52 -12.09 -5.30
N VAL A 153 2.22 -12.26 -5.46
CA VAL A 153 1.26 -11.21 -5.15
C VAL A 153 0.30 -11.74 -4.10
N ARG A 154 0.07 -10.96 -3.05
CA ARG A 154 -0.97 -11.23 -2.09
C ARG A 154 -1.79 -9.95 -1.89
N LEU A 155 -2.99 -10.10 -1.34
CA LEU A 155 -3.97 -9.02 -1.36
C LEU A 155 -4.35 -8.61 0.06
N LEU A 156 -4.48 -7.31 0.27
CA LEU A 156 -5.08 -6.73 1.47
C LEU A 156 -6.33 -5.97 1.07
N LEU A 157 -7.42 -6.18 1.80
CA LEU A 157 -8.64 -5.43 1.56
C LEU A 157 -8.67 -4.24 2.53
N SER A 158 -8.86 -3.03 1.98
CA SER A 158 -8.89 -1.81 2.78
C SER A 158 -10.29 -1.47 3.26
N ILE A 159 -10.40 -1.16 4.54
CA ILE A 159 -11.54 -0.42 5.09
C ILE A 159 -11.20 1.05 4.99
N ASP A 160 -12.09 1.82 4.37
CA ASP A 160 -11.98 3.28 4.31
C ASP A 160 -12.61 3.92 5.54
N ARG A 161 -11.92 4.91 6.13
CA ARG A 161 -12.38 5.57 7.36
C ARG A 161 -13.73 6.28 7.22
N ARG A 162 -14.25 6.43 6.00
CA ARG A 162 -15.59 6.95 5.78
C ARG A 162 -16.69 5.93 6.06
N GLU A 163 -16.35 4.66 6.23
CA GLU A 163 -17.36 3.60 6.24
C GLU A 163 -17.94 3.41 7.63
N THR A 164 -19.10 2.74 7.68
CA THR A 164 -19.75 2.32 8.92
C THR A 164 -19.14 1.03 9.43
N THR A 165 -19.49 0.67 10.67
CA THR A 165 -19.04 -0.63 11.21
C THR A 165 -19.55 -1.80 10.36
N GLU A 166 -20.83 -1.76 9.98
N GLU A 166 -20.83 -1.75 9.98
CA GLU A 166 -21.41 -2.85 9.19
CA GLU A 166 -21.44 -2.82 9.19
C GLU A 166 -20.74 -2.98 7.83
C GLU A 166 -20.73 -2.97 7.84
N SER A 167 -20.42 -1.86 7.19
CA SER A 167 -19.73 -1.91 5.91
C SER A 167 -18.30 -2.46 6.07
N ALA A 168 -17.64 -2.10 7.16
CA ALA A 168 -16.32 -2.67 7.45
C ALA A 168 -16.42 -4.17 7.68
N MET A 169 -17.46 -4.62 8.40
CA MET A 169 -17.68 -6.06 8.57
C MET A 169 -17.93 -6.76 7.22
N GLU A 170 -18.65 -6.11 6.30
CA GLU A 170 -18.82 -6.73 4.98
C GLU A 170 -17.47 -6.96 4.30
N THR A 171 -16.56 -5.98 4.45
CA THR A 171 -15.23 -6.14 3.85
C THR A 171 -14.45 -7.26 4.53
N VAL A 172 -14.53 -7.36 5.85
CA VAL A 172 -13.81 -8.44 6.53
C VAL A 172 -14.37 -9.81 6.13
N LYS A 173 -15.69 -9.93 6.04
CA LYS A 173 -16.30 -11.19 5.62
C LYS A 173 -15.83 -11.58 4.22
N LEU A 174 -15.79 -10.61 3.31
CA LEU A 174 -15.29 -10.86 1.96
C LEU A 174 -13.83 -11.34 1.98
N ALA A 175 -12.99 -10.69 2.77
CA ALA A 175 -11.59 -11.10 2.87
C ALA A 175 -11.49 -12.55 3.29
N LEU A 176 -12.28 -12.94 4.31
CA LEU A 176 -12.28 -14.32 4.77
C LEU A 176 -12.72 -15.28 3.68
N GLU A 177 -13.74 -14.91 2.90
CA GLU A 177 -14.16 -15.77 1.79
C GLU A 177 -13.07 -15.90 0.73
N MET A 178 -12.23 -14.87 0.57
CA MET A 178 -11.28 -14.83 -0.53
C MET A 178 -9.86 -15.22 -0.13
N ARG A 179 -9.67 -15.73 1.07
CA ARG A 179 -8.38 -16.33 1.41
C ARG A 179 -7.90 -17.34 0.36
N ASP A 180 -8.83 -18.01 -0.34
CA ASP A 180 -8.45 -18.97 -1.38
C ASP A 180 -7.85 -18.33 -2.64
N VAL A 181 -7.94 -17.00 -2.82
CA VAL A 181 -7.26 -16.39 -3.96
C VAL A 181 -6.24 -15.37 -3.45
N GLY A 182 -5.74 -15.58 -2.23
CA GLY A 182 -4.57 -14.86 -1.78
C GLY A 182 -4.82 -13.61 -0.95
N VAL A 183 -6.03 -13.40 -0.45
CA VAL A 183 -6.21 -12.33 0.53
C VAL A 183 -5.60 -12.76 1.85
N VAL A 184 -4.72 -11.93 2.41
CA VAL A 184 -4.01 -12.28 3.64
C VAL A 184 -4.31 -11.34 4.79
N GLY A 185 -4.98 -10.22 4.56
CA GLY A 185 -5.21 -9.33 5.67
C GLY A 185 -6.05 -8.13 5.27
N ILE A 186 -6.12 -7.21 6.23
CA ILE A 186 -7.02 -6.06 6.22
C ILE A 186 -6.20 -4.83 6.55
N ASP A 187 -6.52 -3.74 5.88
CA ASP A 187 -5.89 -2.44 6.04
C ASP A 187 -6.94 -1.45 6.51
N LEU A 188 -6.54 -0.51 7.35
CA LEU A 188 -7.38 0.66 7.64
C LEU A 188 -6.70 1.89 7.05
N SER A 189 -7.41 2.59 6.15
CA SER A 189 -6.85 3.76 5.47
C SER A 189 -7.98 4.72 5.09
N GLY A 190 -7.69 5.64 4.18
CA GLY A 190 -8.61 6.74 3.91
C GLY A 190 -8.25 7.97 4.74
N ASN A 191 -9.05 9.02 4.58
CA ASN A 191 -8.74 10.33 5.18
C ASN A 191 -8.62 10.22 6.71
N PRO A 192 -7.47 10.57 7.29
CA PRO A 192 -7.31 10.46 8.74
C PRO A 192 -8.06 11.52 9.53
N LEU A 193 -8.60 12.55 8.89
CA LEU A 193 -9.43 13.55 9.57
C LEU A 193 -10.89 13.14 9.63
N VAL A 194 -11.22 11.95 9.15
CA VAL A 194 -12.59 11.47 9.08
C VAL A 194 -12.69 10.21 9.93
N GLY A 195 -13.83 10.05 10.59
CA GLY A 195 -14.19 8.80 11.25
C GLY A 195 -13.49 8.60 12.59
N GLU A 196 -13.96 7.59 13.32
CA GLU A 196 -13.49 7.32 14.67
C GLU A 196 -13.02 5.87 14.78
N TRP A 197 -11.95 5.68 15.56
CA TRP A 197 -11.40 4.34 15.79
C TRP A 197 -12.47 3.39 16.32
N SER A 198 -13.34 3.87 17.21
CA SER A 198 -14.37 3.02 17.76
C SER A 198 -15.30 2.46 16.68
N THR A 199 -15.40 3.12 15.52
CA THR A 199 -16.22 2.58 14.45
C THR A 199 -15.61 1.31 13.86
N PHE A 200 -14.28 1.23 13.81
CA PHE A 200 -13.58 0.21 13.04
C PHE A 200 -13.00 -0.88 13.90
N LEU A 201 -12.67 -0.56 15.14
CA LEU A 201 -12.15 -1.54 16.09
C LEU A 201 -12.97 -2.84 16.14
N PRO A 202 -14.30 -2.83 16.22
CA PRO A 202 -15.01 -4.13 16.27
C PRO A 202 -14.81 -4.99 15.04
N ALA A 203 -14.79 -4.38 13.85
CA ALA A 203 -14.58 -5.16 12.64
C ALA A 203 -13.13 -5.65 12.55
N LEU A 204 -12.16 -4.81 12.94
CA LEU A 204 -10.77 -5.22 12.91
C LEU A 204 -10.50 -6.32 13.92
N GLN A 205 -11.16 -6.27 15.09
CA GLN A 205 -11.04 -7.34 16.06
C GLN A 205 -11.61 -8.65 15.54
N TYR A 206 -12.74 -8.59 14.83
CA TYR A 206 -13.26 -9.80 14.20
C TYR A 206 -12.26 -10.37 13.20
N ALA A 207 -11.68 -9.50 12.36
CA ALA A 207 -10.67 -9.95 11.39
C ALA A 207 -9.50 -10.61 12.12
N LYS A 208 -8.99 -9.95 13.16
CA LYS A 208 -7.83 -10.48 13.87
C LYS A 208 -8.15 -11.80 14.55
N ASP A 209 -9.33 -11.92 15.18
CA ASP A 209 -9.74 -13.17 15.81
C ASP A 209 -9.93 -14.29 14.80
N ASN A 210 -10.15 -13.96 13.53
CA ASN A 210 -10.20 -14.97 12.47
C ASN A 210 -8.87 -15.16 11.74
N ASP A 211 -7.76 -14.73 12.33
CA ASP A 211 -6.38 -14.98 11.87
C ASP A 211 -6.02 -14.24 10.58
N LEU A 212 -6.76 -13.20 10.22
CA LEU A 212 -6.29 -12.30 9.17
C LEU A 212 -5.23 -11.38 9.76
N HIS A 213 -4.25 -11.00 8.94
CA HIS A 213 -3.27 -10.05 9.43
C HIS A 213 -3.78 -8.63 9.25
N ILE A 214 -3.33 -7.72 10.12
CA ILE A 214 -3.87 -6.37 10.22
C ILE A 214 -2.75 -5.36 10.06
N THR A 215 -2.94 -4.41 9.14
CA THR A 215 -2.07 -3.26 9.06
C THR A 215 -2.89 -1.97 9.12
N LEU A 216 -2.38 -0.98 9.85
CA LEU A 216 -3.13 0.24 10.14
C LEU A 216 -2.37 1.48 9.71
N HIS A 217 -3.03 2.39 8.97
CA HIS A 217 -2.48 3.74 8.79
C HIS A 217 -2.53 4.48 10.13
N CYS A 218 -1.39 4.88 10.66
CA CYS A 218 -1.34 5.33 12.04
C CYS A 218 -0.51 6.60 12.16
N GLY A 219 -1.09 7.63 12.77
CA GLY A 219 -0.34 8.84 13.04
C GLY A 219 -0.01 9.71 11.84
N GLU A 220 -0.85 9.69 10.80
CA GLU A 220 -0.65 10.60 9.66
C GLU A 220 -0.90 12.04 10.06
N VAL A 221 -1.75 12.26 11.06
CA VAL A 221 -1.96 13.57 11.67
C VAL A 221 -1.80 13.44 13.18
N PRO A 222 -1.53 14.54 13.88
CA PRO A 222 -1.51 14.49 15.35
C PRO A 222 -2.85 14.01 15.90
N ASN A 223 -2.79 12.95 16.70
CA ASN A 223 -3.97 12.36 17.30
C ASN A 223 -3.55 11.40 18.40
N PRO A 224 -3.14 11.91 19.56
CA PRO A 224 -2.50 11.04 20.58
C PRO A 224 -3.37 9.90 21.07
N LYS A 225 -4.67 10.15 21.29
CA LYS A 225 -5.56 9.10 21.79
C LYS A 225 -5.72 8.00 20.77
N GLU A 226 -5.91 8.37 19.48
CA GLU A 226 -6.11 7.36 18.46
C GLU A 226 -4.84 6.56 18.24
N ILE A 227 -3.68 7.23 18.26
CA ILE A 227 -2.42 6.52 18.11
C ILE A 227 -2.27 5.48 19.22
N GLN A 228 -2.54 5.88 20.46
CA GLN A 228 -2.41 4.94 21.58
C GLN A 228 -3.39 3.79 21.47
N ALA A 229 -4.62 4.06 21.04
CA ALA A 229 -5.60 2.99 20.93
C ALA A 229 -5.25 2.02 19.79
N MET A 230 -4.73 2.55 18.68
CA MET A 230 -4.27 1.66 17.60
C MET A 230 -3.08 0.83 18.04
N LEU A 231 -2.16 1.42 18.80
CA LEU A 231 -1.02 0.63 19.28
C LEU A 231 -1.47 -0.46 20.25
N ASP A 232 -2.45 -0.14 21.12
CA ASP A 232 -2.93 -1.15 22.07
C ASP A 232 -3.67 -2.29 21.38
N PHE A 233 -4.29 -2.02 20.24
CA PHE A 233 -4.88 -3.10 19.44
C PHE A 233 -3.83 -4.14 18.99
N LYS A 234 -2.56 -3.76 18.94
CA LYS A 234 -1.46 -4.60 18.46
C LYS A 234 -1.74 -5.13 17.06
N PRO A 235 -1.76 -4.26 16.05
CA PRO A 235 -1.80 -4.75 14.67
C PRO A 235 -0.48 -5.45 14.34
N HIS A 236 -0.48 -6.14 13.21
CA HIS A 236 0.76 -6.76 12.76
C HIS A 236 1.70 -5.78 12.06
N ARG A 237 1.18 -4.75 11.40
CA ARG A 237 2.04 -3.66 10.95
C ARG A 237 1.30 -2.34 11.06
N ILE A 238 2.05 -1.24 11.00
CA ILE A 238 1.46 0.08 10.83
C ILE A 238 2.17 0.82 9.70
N GLY A 239 1.50 1.80 9.15
CA GLY A 239 2.05 2.65 8.12
C GLY A 239 2.17 4.07 8.61
N HIS A 240 3.28 4.73 8.24
CA HIS A 240 3.53 6.17 8.37
C HIS A 240 4.13 6.53 9.73
N ALA A 241 3.30 6.68 10.76
CA ALA A 241 3.75 7.01 12.12
C ALA A 241 4.43 8.38 12.19
N CYS A 242 3.88 9.35 11.45
CA CYS A 242 4.52 10.66 11.30
C CYS A 242 4.44 11.53 12.55
N PHE A 243 3.35 11.46 13.30
CA PHE A 243 3.16 12.36 14.43
C PHE A 243 3.14 11.62 15.75
N PHE A 244 3.93 10.55 15.84
CA PHE A 244 4.16 9.86 17.10
C PHE A 244 4.91 10.76 18.08
N LYS A 245 4.57 10.61 19.36
CA LYS A 245 5.31 11.19 20.47
C LYS A 245 6.15 10.11 21.16
N ASP A 246 6.88 10.51 22.22
CA ASP A 246 7.86 9.61 22.83
C ASP A 246 7.21 8.37 23.44
N GLU A 247 6.08 8.54 24.15
CA GLU A 247 5.38 7.38 24.68
C GLU A 247 4.87 6.45 23.57
N ASP A 248 4.53 7.02 22.41
CA ASP A 248 4.15 6.21 21.25
C ASP A 248 5.33 5.40 20.73
N TRP A 249 6.49 6.05 20.57
CA TRP A 249 7.68 5.33 20.09
C TRP A 249 8.05 4.23 21.05
N THR A 250 8.03 4.52 22.36
CA THR A 250 8.36 3.52 23.37
C THR A 250 7.44 2.30 23.25
N LYS A 251 6.13 2.55 23.17
CA LYS A 251 5.19 1.43 23.05
C LYS A 251 5.42 0.63 21.77
N LEU A 252 5.60 1.33 20.64
CA LEU A 252 5.81 0.67 19.36
C LEU A 252 7.05 -0.19 19.37
N LYS A 253 8.15 0.32 19.94
CA LYS A 253 9.40 -0.43 19.99
C LYS A 253 9.27 -1.65 20.88
N SER A 254 8.52 -1.52 21.98
CA SER A 254 8.29 -2.64 22.88
C SER A 254 7.39 -3.72 22.27
N PHE A 255 6.40 -3.34 21.45
CA PHE A 255 5.54 -4.32 20.80
C PHE A 255 6.15 -4.90 19.53
N ARG A 256 7.21 -4.27 19.01
CA ARG A 256 7.93 -4.74 17.81
C ARG A 256 7.03 -4.78 16.57
N ILE A 257 6.26 -3.73 16.36
CA ILE A 257 5.37 -3.66 15.20
C ILE A 257 6.14 -3.01 14.05
N PRO A 258 6.31 -3.70 12.92
CA PRO A 258 7.01 -3.08 11.79
C PRO A 258 6.27 -1.86 11.26
N VAL A 259 7.05 -0.91 10.75
CA VAL A 259 6.53 0.34 10.20
C VAL A 259 6.78 0.36 8.69
N GLU A 260 5.70 0.53 7.93
CA GLU A 260 5.75 0.80 6.49
C GLU A 260 6.11 2.28 6.29
N ILE A 261 7.31 2.51 5.74
CA ILE A 261 7.86 3.86 5.60
C ILE A 261 7.64 4.31 4.16
N CYS A 262 7.05 5.49 4.00
CA CYS A 262 6.69 6.04 2.70
C CYS A 262 7.34 7.42 2.56
N LEU A 263 8.60 7.43 2.15
CA LEU A 263 9.41 8.66 2.19
C LEU A 263 8.82 9.76 1.30
N THR A 264 8.68 9.49 0.00
CA THR A 264 8.22 10.51 -0.93
C THR A 264 6.83 10.99 -0.56
N SER A 265 5.93 10.05 -0.31
CA SER A 265 4.57 10.37 0.09
C SER A 265 4.57 11.32 1.30
N ASN A 266 5.34 10.98 2.33
CA ASN A 266 5.39 11.80 3.55
C ASN A 266 5.89 13.21 3.24
N ILE A 267 6.90 13.34 2.37
CA ILE A 267 7.40 14.67 2.06
C ILE A 267 6.38 15.48 1.28
N VAL A 268 5.69 14.84 0.34
CA VAL A 268 4.76 15.57 -0.52
C VAL A 268 3.48 15.94 0.24
N THR A 269 2.96 15.02 1.06
CA THR A 269 1.75 15.35 1.81
C THR A 269 2.01 16.36 2.92
N LYS A 270 3.28 16.71 3.17
CA LYS A 270 3.72 17.59 4.26
C LYS A 270 3.45 16.99 5.65
N SER A 271 3.53 15.67 5.76
CA SER A 271 3.47 15.01 7.06
C SER A 271 4.84 14.97 7.73
N ILE A 272 5.90 14.95 6.94
CA ILE A 272 7.27 15.10 7.42
C ILE A 272 7.92 16.22 6.62
N SER A 273 8.59 17.15 7.31
CA SER A 273 9.08 18.35 6.63
C SER A 273 10.33 18.08 5.77
N SER A 274 11.11 17.04 6.04
CA SER A 274 12.24 16.70 5.19
C SER A 274 12.74 15.28 5.49
N ILE A 275 13.42 14.70 4.49
CA ILE A 275 13.95 13.35 4.69
C ILE A 275 15.03 13.34 5.76
N ASP A 276 15.73 14.47 5.94
CA ASP A 276 16.82 14.52 6.91
C ASP A 276 16.33 14.46 8.35
N ILE A 277 15.05 14.71 8.62
CA ILE A 277 14.50 14.55 9.96
C ILE A 277 13.53 13.38 10.05
N HIS A 278 13.35 12.62 8.97
CA HIS A 278 12.38 11.53 8.95
C HIS A 278 12.75 10.48 9.97
N HIS A 279 11.74 9.98 10.69
CA HIS A 279 11.94 9.00 11.76
C HIS A 279 12.48 7.66 11.27
N PHE A 280 12.46 7.36 9.98
CA PHE A 280 12.98 6.06 9.55
C PHE A 280 14.45 5.90 9.94
N ALA A 281 15.21 7.00 10.03
CA ALA A 281 16.61 6.89 10.44
C ALA A 281 16.72 6.46 11.89
N ASP A 282 15.88 7.02 12.78
CA ASP A 282 15.87 6.58 14.17
C ASP A 282 15.50 5.11 14.28
N LEU A 283 14.47 4.68 13.54
CA LEU A 283 14.06 3.28 13.57
C LEU A 283 15.20 2.39 13.10
N TYR A 284 15.87 2.78 12.01
CA TYR A 284 17.00 2.01 11.52
C TYR A 284 18.07 1.88 12.58
N ASN A 285 18.42 3.00 13.23
CA ASN A 285 19.49 2.99 14.22
C ASN A 285 19.08 2.28 15.50
N ALA A 286 17.79 2.24 15.82
CA ALA A 286 17.28 1.50 16.96
C ALA A 286 17.03 0.03 16.65
N LYS A 287 17.34 -0.42 15.43
CA LYS A 287 17.14 -1.81 15.02
C LYS A 287 15.67 -2.23 15.14
N HIS A 288 14.76 -1.28 14.88
CA HIS A 288 13.32 -1.54 14.81
C HIS A 288 12.93 -1.84 13.36
N PRO A 289 12.10 -2.87 13.14
CA PRO A 289 11.79 -3.29 11.76
C PRO A 289 11.04 -2.22 10.98
N LEU A 290 11.52 -1.96 9.77
CA LEU A 290 10.91 -0.98 8.89
C LEU A 290 11.04 -1.49 7.47
N ILE A 291 10.09 -1.10 6.63
CA ILE A 291 10.03 -1.52 5.24
C ILE A 291 9.77 -0.28 4.37
N LEU A 292 10.62 -0.05 3.39
CA LEU A 292 10.41 1.06 2.47
C LEU A 292 9.33 0.69 1.47
N CYS A 293 8.39 1.61 1.23
CA CYS A 293 7.22 1.36 0.42
C CYS A 293 6.93 2.61 -0.41
N THR A 294 6.04 2.48 -1.42
CA THR A 294 5.69 3.60 -2.28
C THR A 294 4.44 4.35 -1.87
N ASN A 295 3.52 3.67 -1.19
CA ASN A 295 2.20 4.18 -0.87
C ASN A 295 1.35 4.35 -2.13
N ASP A 296 1.67 5.35 -2.96
CA ASP A 296 0.93 5.64 -4.20
C ASP A 296 1.95 6.12 -5.24
N PHE A 297 2.61 5.17 -5.93
CA PHE A 297 3.68 5.61 -6.84
C PHE A 297 3.14 6.39 -8.03
N GLY A 298 1.86 6.21 -8.38
CA GLY A 298 1.26 6.97 -9.46
C GLY A 298 0.91 8.39 -9.02
N VAL A 299 0.26 8.50 -7.87
CA VAL A 299 -0.11 9.81 -7.33
C VAL A 299 1.14 10.64 -7.02
N PHE A 300 2.20 10.01 -6.50
CA PHE A 300 3.37 10.75 -6.01
C PHE A 300 4.57 10.67 -6.94
N SER A 301 4.41 10.11 -8.15
CA SER A 301 5.45 10.13 -9.19
C SER A 301 6.76 9.52 -8.71
N THR A 302 6.70 8.30 -8.17
CA THR A 302 7.92 7.66 -7.69
C THR A 302 7.87 6.18 -8.07
N SER A 303 8.76 5.40 -7.48
CA SER A 303 8.85 3.97 -7.68
C SER A 303 9.57 3.42 -6.45
N LEU A 304 9.51 2.10 -6.27
CA LEU A 304 10.16 1.52 -5.09
C LEU A 304 11.66 1.66 -5.18
N SER A 305 12.21 1.57 -6.40
CA SER A 305 13.65 1.76 -6.60
C SER A 305 14.07 3.17 -6.18
N ASN A 306 13.27 4.18 -6.52
CA ASN A 306 13.61 5.55 -6.13
C ASN A 306 13.49 5.75 -4.61
N GLU A 307 12.50 5.09 -3.96
CA GLU A 307 12.42 5.20 -2.50
C GLU A 307 13.67 4.61 -1.86
N TYR A 308 14.13 3.47 -2.38
CA TYR A 308 15.38 2.92 -1.90
C TYR A 308 16.55 3.87 -2.12
N ALA A 309 16.60 4.53 -3.29
CA ALA A 309 17.70 5.46 -3.57
C ALA A 309 17.73 6.63 -2.57
N LEU A 310 16.57 7.24 -2.34
CA LEU A 310 16.47 8.27 -1.31
C LEU A 310 16.97 7.77 0.04
N ALA A 311 16.55 6.55 0.44
CA ALA A 311 16.94 6.06 1.75
C ALA A 311 18.44 5.75 1.83
N VAL A 312 19.00 5.22 0.75
CA VAL A 312 20.42 4.87 0.71
C VAL A 312 21.29 6.12 0.77
N ARG A 313 20.87 7.17 0.07
CA ARG A 313 21.59 8.44 0.17
C ARG A 313 21.48 9.02 1.58
N SER A 314 20.25 9.13 2.10
CA SER A 314 20.05 9.78 3.39
C SER A 314 20.77 9.05 4.53
N LEU A 315 20.75 7.71 4.51
CA LEU A 315 21.40 6.97 5.57
C LEU A 315 22.88 6.71 5.29
N GLY A 316 23.31 6.85 4.05
CA GLY A 316 24.68 6.49 3.69
C GLY A 316 24.94 5.00 3.77
N LEU A 317 24.03 4.20 3.23
CA LEU A 317 24.12 2.76 3.31
C LEU A 317 25.05 2.21 2.25
N SER A 318 25.75 1.13 2.58
CA SER A 318 26.47 0.38 1.57
C SER A 318 25.52 -0.58 0.84
N LYS A 319 26.04 -1.16 -0.24
CA LYS A 319 25.29 -2.18 -0.97
C LYS A 319 24.84 -3.29 -0.04
N SER A 320 25.75 -3.78 0.82
CA SER A 320 25.40 -4.92 1.66
C SER A 320 24.44 -4.52 2.80
N GLU A 321 24.56 -3.29 3.32
CA GLU A 321 23.58 -2.80 4.28
C GLU A 321 22.20 -2.66 3.64
N THR A 322 22.15 -2.13 2.42
CA THR A 322 20.89 -2.01 1.69
C THR A 322 20.27 -3.38 1.42
N PHE A 323 21.10 -4.34 1.04
CA PHE A 323 20.59 -5.69 0.79
C PHE A 323 20.05 -6.31 2.08
N ALA A 324 20.73 -6.10 3.21
CA ALA A 324 20.24 -6.62 4.48
C ALA A 324 18.91 -5.99 4.87
N LEU A 325 18.78 -4.69 4.64
CA LEU A 325 17.51 -4.00 4.91
C LEU A 325 16.38 -4.59 4.06
N ALA A 326 16.63 -4.72 2.75
CA ALA A 326 15.61 -5.27 1.85
C ALA A 326 15.20 -6.67 2.26
N ARG A 327 16.18 -7.50 2.62
CA ARG A 327 15.90 -8.88 3.00
C ARG A 327 15.11 -8.95 4.29
N ALA A 328 15.38 -8.05 5.25
CA ALA A 328 14.68 -8.08 6.53
C ALA A 328 13.18 -7.93 6.38
N ALA A 329 12.69 -7.44 5.24
CA ALA A 329 11.27 -7.25 5.06
C ALA A 329 10.52 -8.57 4.94
N ILE A 330 11.23 -9.67 4.68
CA ILE A 330 10.56 -10.95 4.47
C ILE A 330 9.76 -11.34 5.70
N ASP A 331 10.30 -11.08 6.89
CA ASP A 331 9.59 -11.52 8.07
C ASP A 331 8.45 -10.59 8.46
N ALA A 332 8.30 -9.43 7.81
CA ALA A 332 7.13 -8.57 8.01
C ALA A 332 5.99 -8.87 7.04
N THR A 333 6.20 -9.72 6.03
CA THR A 333 5.12 -10.07 5.13
C THR A 333 4.06 -10.87 5.86
N PHE A 334 2.86 -10.91 5.28
CA PHE A 334 1.74 -11.68 5.81
C PHE A 334 1.59 -13.04 5.14
N ALA A 335 2.60 -13.48 4.39
CA ALA A 335 2.53 -14.70 3.61
C ALA A 335 2.82 -15.96 4.45
N GLU A 336 2.44 -17.12 3.91
CA GLU A 336 2.72 -18.40 4.57
C GLU A 336 4.22 -18.67 4.62
N ASP A 337 4.62 -19.59 5.50
CA ASP A 337 6.03 -19.87 5.73
C ASP A 337 6.73 -20.35 4.46
N GLU A 338 6.05 -21.16 3.65
CA GLU A 338 6.61 -21.66 2.39
C GLU A 338 7.03 -20.52 1.46
N VAL A 339 6.18 -19.49 1.34
CA VAL A 339 6.52 -18.34 0.52
C VAL A 339 7.71 -17.60 1.09
N LYS A 340 7.75 -17.44 2.41
CA LYS A 340 8.90 -16.78 3.02
C LYS A 340 10.19 -17.55 2.74
N GLN A 341 10.14 -18.88 2.81
CA GLN A 341 11.33 -19.67 2.51
C GLN A 341 11.77 -19.46 1.07
N GLN A 342 10.80 -19.40 0.15
CA GLN A 342 11.13 -19.10 -1.23
C GLN A 342 11.75 -17.72 -1.38
N LEU A 343 11.22 -16.72 -0.67
CA LEU A 343 11.80 -15.39 -0.75
C LEU A 343 13.22 -15.38 -0.20
N ARG A 344 13.46 -16.14 0.87
CA ARG A 344 14.81 -16.26 1.43
C ARG A 344 15.75 -16.85 0.39
N PHE A 345 15.30 -17.91 -0.28
CA PHE A 345 16.09 -18.50 -1.37
C PHE A 345 16.40 -17.47 -2.46
N ILE A 346 15.41 -16.68 -2.86
CA ILE A 346 15.61 -15.68 -3.92
C ILE A 346 16.64 -14.65 -3.49
N PHE A 347 16.47 -14.10 -2.28
CA PHE A 347 17.38 -13.07 -1.80
C PHE A 347 18.79 -13.62 -1.66
N ASP A 348 18.94 -14.85 -1.17
CA ASP A 348 20.26 -15.47 -1.08
C ASP A 348 20.87 -15.67 -2.47
N SER A 349 20.05 -16.03 -3.47
CA SER A 349 20.56 -16.16 -4.83
C SER A 349 20.93 -14.81 -5.43
N ALA A 350 20.47 -13.71 -4.86
CA ALA A 350 21.00 -12.40 -5.23
C ALA A 350 21.95 -11.83 -4.19
N SER A 351 22.44 -12.65 -3.24
CA SER A 351 23.21 -12.15 -2.09
C SER A 351 24.69 -11.90 -2.42
N PRO A 352 25.49 -12.92 -2.77
CA PRO A 352 26.94 -12.70 -2.88
C PRO A 352 27.34 -11.87 -4.10
N GLU A 353 26.40 -11.58 -5.00
CA GLU A 353 26.69 -10.74 -6.16
C GLU A 353 27.29 -9.40 -5.76
N HIS A 354 26.77 -8.81 -4.68
CA HIS A 354 27.15 -7.45 -4.28
C HIS A 354 27.49 -7.37 -2.80
#